data_6PPV
#
_entry.id   6PPV
#
_cell.length_a   69.023
_cell.length_b   69.023
_cell.length_c   296.068
_cell.angle_alpha   90.000
_cell.angle_beta   90.000
_cell.angle_gamma   120.000
#
_symmetry.space_group_name_H-M   'P 31 2 1'
#
loop_
_entity.id
_entity.type
_entity.pdbx_description
1 polymer 'U6 snRNA-associated Sm-like protein LSm1'
2 polymer 'U6 snRNA-associated Sm-like protein LSm2'
3 polymer 'Probable U6 snRNA-associated Sm-like protein LSm3'
4 polymer 'Probable U6 snRNA-associated Sm-like protein LSm4'
5 polymer 'U6 snRNA-associated Sm-like protein LSm5'
6 polymer 'U6 snRNA-associated Sm-like protein LSm6'
7 polymer 'U6 snRNA-associated Sm-like protein LSm7'
8 polymer "RNA (5'-R(*AP*UP*UP*UP*UP*G)-3')"
9 water water
#
loop_
_entity_poly.entity_id
_entity_poly.type
_entity_poly.pdbx_seq_one_letter_code
_entity_poly.pdbx_strand_id
1 'polypeptide(L)'
;GSMNQATQIIPFTTSGSLVDYVDRKVIVVLRDGKKLIGILRSFDQFANLMLQYTIERIYVDDMYGDIDRGVYIVRGENVV
LLGELD
;
A
2 'polypeptide(L)'
;MLFYSFFKTLIDTEVTVELKNDMSIRGILKSVDQFLNVKLENISVVDASKYPHMAAVKDLFIRGSVVRYVHMSSAYVDTI
LLADACRRDLANNKRQ
;
B
3 'polypeptide(L)'
;GSMESAQAVAEPLDLVRLSLDEIVYVKLRGDRELNGRLHAYDEHLNMVLGDAEEIVTIFDDEETDKDKALKTIRKHYEML
FVRGDSVILIAPPRN
;
C
4 'polypeptide(L)'
;MLPLTLLNATQGRPILVELKNGETFNGHLENCDNYMNLTLREVIRTMPDGDKFFRLPECYIRGNNIKYLRIQDEVLSQVA
KQQAQQRENRGSRFRGRGQRGRGNYGHTAPNRRGRGRGGHMWSHPQFEK
;
D
5 'polypeptide(L)' MSMTILPLELIDKCIGSNLWVIMKSEREFAGTLVGFDDYVNIVLKDVTEYDTVTGVTEKHSEMLLNGNGMCMLIPGGKPE E
6 'polypeptide(L)' GSMDSSPNEFLNKVIGKKVLIRLSSGVDYKGILSCLDGYMNLALERTEEYVNGKKTNVYGDAFIRGNNVLYVSALDD F
7 'polypeptide(L)'
;MSSLQKRPGPGNSSQPTERPRKESILDLSRYQDQRIQATFTGGRQITGILKGFDQLMNLVLDDVEEQLRNPEDGKLTGAI
RKLGLVVVRGTTLVLIAPMDGSEEIPNPFVQAE
;
G
8 'polyribonucleotide' AUUUUG H
#
loop_
_chem_comp.id
_chem_comp.type
_chem_comp.name
_chem_comp.formula
A RNA linking ADENOSINE-5'-MONOPHOSPHATE 'C10 H14 N5 O7 P'
G RNA linking GUANOSINE-5'-MONOPHOSPHATE 'C10 H14 N5 O8 P'
U RNA linking URIDINE-5'-MONOPHOSPHATE 'C9 H13 N2 O9 P'
#
# COMPACT_ATOMS: atom_id res chain seq x y z
N SER A 17 -16.15 -3.43 -19.19
CA SER A 17 -15.51 -4.17 -18.12
C SER A 17 -14.62 -5.26 -18.70
N LEU A 18 -14.12 -6.13 -17.82
CA LEU A 18 -13.34 -7.26 -18.27
C LEU A 18 -14.18 -8.37 -18.90
N VAL A 19 -15.50 -8.21 -18.97
CA VAL A 19 -16.35 -9.26 -19.52
C VAL A 19 -15.97 -9.55 -20.97
N ASP A 20 -15.41 -8.55 -21.66
CA ASP A 20 -15.00 -8.72 -23.05
C ASP A 20 -13.80 -9.64 -23.20
N TYR A 21 -13.03 -9.86 -22.13
CA TYR A 21 -11.87 -10.73 -22.16
C TYR A 21 -12.17 -12.14 -21.68
N VAL A 22 -13.37 -12.38 -21.15
CA VAL A 22 -13.67 -13.67 -20.55
C VAL A 22 -13.66 -14.76 -21.62
N ASP A 23 -13.03 -15.89 -21.29
CA ASP A 23 -12.80 -17.05 -22.16
C ASP A 23 -11.80 -16.77 -23.27
N ARG A 24 -11.04 -15.69 -23.18
CA ARG A 24 -9.97 -15.39 -24.12
C ARG A 24 -8.61 -15.60 -23.48
N LYS A 25 -7.61 -15.81 -24.31
CA LYS A 25 -6.23 -15.91 -23.84
C LYS A 25 -5.69 -14.51 -23.57
N VAL A 26 -5.08 -14.34 -22.38
CA VAL A 26 -4.57 -13.06 -21.93
C VAL A 26 -3.18 -13.24 -21.32
N ILE A 27 -2.43 -12.15 -21.34
CA ILE A 27 -1.23 -12.03 -20.53
C ILE A 27 -1.55 -11.07 -19.40
N VAL A 28 -1.17 -11.45 -18.19
CA VAL A 28 -1.36 -10.63 -17.00
C VAL A 28 0.02 -10.30 -16.48
N VAL A 29 0.29 -9.01 -16.33
CA VAL A 29 1.53 -8.53 -15.71
C VAL A 29 1.20 -8.10 -14.29
N LEU A 30 1.96 -8.64 -13.33
CA LEU A 30 1.83 -8.41 -11.90
C LEU A 30 2.82 -7.36 -11.44
N ARG A 31 2.56 -6.81 -10.24
CA ARG A 31 3.42 -5.76 -9.69
C ARG A 31 4.83 -6.26 -9.46
N ASP A 32 5.00 -7.53 -9.11
CA ASP A 32 6.35 -8.06 -8.91
C ASP A 32 7.05 -8.38 -10.23
N GLY A 33 6.45 -8.08 -11.37
CA GLY A 33 7.10 -8.30 -12.65
C GLY A 33 6.78 -9.61 -13.34
N LYS A 34 5.95 -10.48 -12.76
CA LYS A 34 5.67 -11.77 -13.38
C LYS A 34 4.72 -11.62 -14.56
N LYS A 35 4.92 -12.47 -15.56
CA LYS A 35 4.05 -12.58 -16.71
C LYS A 35 3.33 -13.92 -16.67
N LEU A 36 2.00 -13.87 -16.53
CA LEU A 36 1.16 -15.05 -16.58
C LEU A 36 0.41 -15.04 -17.90
N ILE A 37 0.33 -16.19 -18.57
CA ILE A 37 -0.42 -16.29 -19.82
C ILE A 37 -1.42 -17.42 -19.69
N GLY A 38 -2.70 -17.11 -19.78
CA GLY A 38 -3.70 -18.13 -19.62
C GLY A 38 -5.06 -17.67 -20.09
N ILE A 39 -6.07 -18.50 -19.84
CA ILE A 39 -7.44 -18.20 -20.24
C ILE A 39 -8.14 -17.51 -19.08
N LEU A 40 -8.61 -16.29 -19.32
CA LEU A 40 -9.37 -15.59 -18.30
C LEU A 40 -10.74 -16.24 -18.16
N ARG A 41 -11.01 -16.81 -17.00
CA ARG A 41 -12.33 -17.38 -16.70
C ARG A 41 -13.24 -16.45 -15.92
N SER A 42 -12.71 -15.65 -14.98
CA SER A 42 -13.62 -14.77 -14.27
C SER A 42 -12.87 -13.62 -13.59
N PHE A 43 -13.65 -12.64 -13.14
CA PHE A 43 -13.14 -11.43 -12.49
C PHE A 43 -14.23 -10.91 -11.58
N ASP A 44 -13.86 -10.02 -10.64
CA ASP A 44 -14.85 -9.37 -9.79
C ASP A 44 -14.51 -7.88 -9.70
N GLN A 45 -15.15 -7.21 -8.74
CA GLN A 45 -15.11 -5.75 -8.66
C GLN A 45 -13.82 -5.20 -8.07
N PHE A 46 -12.94 -6.05 -7.56
CA PHE A 46 -11.59 -5.66 -7.22
C PHE A 46 -10.61 -5.93 -8.35
N ALA A 47 -11.11 -6.46 -9.46
CA ALA A 47 -10.30 -7.03 -10.53
C ALA A 47 -9.46 -8.20 -10.03
N ASN A 48 -9.94 -8.90 -8.99
CA ASN A 48 -9.44 -10.26 -8.76
C ASN A 48 -9.68 -11.06 -10.02
N LEU A 49 -8.71 -11.88 -10.41
CA LEU A 49 -8.79 -12.62 -11.66
C LEU A 49 -8.76 -14.11 -11.37
N MET A 50 -9.42 -14.89 -12.24
CA MET A 50 -9.30 -16.33 -12.20
C MET A 50 -8.94 -16.80 -13.60
N LEU A 51 -7.77 -17.44 -13.71
CA LEU A 51 -7.16 -17.89 -14.95
C LEU A 51 -6.99 -19.40 -14.95
N GLN A 52 -7.26 -20.01 -16.10
CA GLN A 52 -7.11 -21.45 -16.31
C GLN A 52 -6.07 -21.73 -17.39
N TYR A 53 -5.44 -22.90 -17.30
CA TYR A 53 -4.38 -23.34 -18.22
C TYR A 53 -3.27 -22.31 -18.30
N THR A 54 -2.82 -21.85 -17.15
CA THR A 54 -1.88 -20.74 -17.10
C THR A 54 -0.44 -21.23 -17.19
N ILE A 55 0.37 -20.51 -17.95
CA ILE A 55 1.81 -20.67 -17.90
C ILE A 55 2.38 -19.39 -17.30
N GLU A 56 3.51 -19.53 -16.61
CA GLU A 56 4.32 -18.40 -16.21
C GLU A 56 5.48 -18.30 -17.18
N ARG A 57 5.63 -17.15 -17.81
CA ARG A 57 6.66 -16.95 -18.84
C ARG A 57 7.77 -16.10 -18.25
N ILE A 58 8.96 -16.69 -18.13
CA ILE A 58 10.12 -16.05 -17.53
C ILE A 58 11.02 -15.54 -18.65
N TYR A 59 11.26 -14.22 -18.65
CA TYR A 59 12.02 -13.55 -19.68
C TYR A 59 13.43 -13.22 -19.20
N VAL A 60 14.37 -13.30 -20.14
CA VAL A 60 15.71 -12.73 -20.02
C VAL A 60 15.99 -12.11 -21.38
N ASP A 61 16.04 -10.77 -21.41
CA ASP A 61 16.04 -10.05 -22.69
C ASP A 61 14.86 -10.54 -23.52
N ASP A 62 15.10 -10.82 -24.79
CA ASP A 62 14.04 -11.29 -25.68
C ASP A 62 13.80 -12.79 -25.58
N MET A 63 14.58 -13.52 -24.79
CA MET A 63 14.40 -14.96 -24.67
C MET A 63 13.49 -15.28 -23.49
N TYR A 64 12.78 -16.40 -23.61
CA TYR A 64 11.88 -16.78 -22.52
C TYR A 64 11.82 -18.29 -22.38
N GLY A 65 11.36 -18.71 -21.20
CA GLY A 65 10.98 -20.09 -20.97
C GLY A 65 9.67 -20.11 -20.21
N ASP A 66 8.89 -21.16 -20.46
CA ASP A 66 7.57 -21.28 -19.87
C ASP A 66 7.55 -22.34 -18.78
N ILE A 67 6.64 -22.15 -17.82
CA ILE A 67 6.38 -23.11 -16.74
C ILE A 67 4.87 -23.29 -16.64
N ASP A 68 4.40 -24.53 -16.74
CA ASP A 68 2.99 -24.82 -16.52
C ASP A 68 2.63 -24.55 -15.06
N ARG A 69 1.44 -23.95 -14.85
CA ARG A 69 1.05 -23.50 -13.52
C ARG A 69 -0.38 -23.83 -13.13
N GLY A 70 -1.25 -24.18 -14.07
CA GLY A 70 -2.61 -24.51 -13.68
C GLY A 70 -3.53 -23.32 -13.52
N VAL A 71 -4.30 -23.32 -12.44
CA VAL A 71 -5.31 -22.31 -12.19
C VAL A 71 -4.74 -21.30 -11.20
N TYR A 72 -4.93 -20.01 -11.49
CA TYR A 72 -4.61 -18.92 -10.56
C TYR A 72 -5.89 -18.19 -10.15
N ILE A 73 -5.93 -17.80 -8.88
CA ILE A 73 -6.72 -16.67 -8.41
C ILE A 73 -5.73 -15.56 -8.08
N VAL A 74 -5.71 -14.50 -8.90
CA VAL A 74 -4.83 -13.37 -8.68
C VAL A 74 -5.58 -12.28 -7.93
N ARG A 75 -5.02 -11.83 -6.81
CA ARG A 75 -5.61 -10.72 -6.08
C ARG A 75 -5.46 -9.43 -6.89
N GLY A 76 -6.57 -8.71 -7.08
CA GLY A 76 -6.58 -7.60 -8.02
C GLY A 76 -5.52 -6.54 -7.79
N GLU A 77 -5.22 -6.23 -6.52
CA GLU A 77 -4.27 -5.16 -6.25
C GLU A 77 -2.88 -5.43 -6.81
N ASN A 78 -2.57 -6.67 -7.18
CA ASN A 78 -1.26 -7.02 -7.73
C ASN A 78 -1.23 -6.98 -9.24
N VAL A 79 -2.36 -6.74 -9.88
CA VAL A 79 -2.47 -6.75 -11.33
C VAL A 79 -2.06 -5.38 -11.85
N VAL A 80 -0.98 -5.34 -12.61
CA VAL A 80 -0.63 -4.13 -13.34
C VAL A 80 -1.49 -4.03 -14.58
N LEU A 81 -1.45 -5.06 -15.43
CA LEU A 81 -2.25 -4.95 -16.65
C LEU A 81 -2.63 -6.33 -17.18
N LEU A 82 -3.66 -6.31 -18.01
CA LEU A 82 -4.20 -7.49 -18.67
C LEU A 82 -4.28 -7.18 -20.16
N GLY A 83 -3.58 -7.97 -20.97
CA GLY A 83 -3.55 -7.76 -22.41
C GLY A 83 -4.10 -8.94 -23.18
N GLU A 84 -5.01 -8.66 -24.11
CA GLU A 84 -5.61 -9.72 -24.92
C GLU A 84 -4.59 -10.28 -25.90
N LEU A 85 -4.54 -11.60 -26.00
CA LEU A 85 -3.76 -12.29 -27.01
C LEU A 85 -4.68 -13.15 -27.88
N MET B 1 -18.29 12.82 -10.22
CA MET B 1 -17.07 12.12 -10.65
C MET B 1 -16.36 12.90 -11.73
N LEU B 2 -15.59 13.91 -11.29
CA LEU B 2 -15.03 14.90 -12.20
C LEU B 2 -14.12 14.28 -13.25
N PHE B 3 -13.12 13.51 -12.79
CA PHE B 3 -12.13 12.98 -13.72
C PHE B 3 -12.65 11.77 -14.48
N TYR B 4 -13.61 11.05 -13.92
CA TYR B 4 -14.32 10.06 -14.72
C TYR B 4 -14.97 10.70 -15.95
N SER B 5 -15.60 11.86 -15.77
CA SER B 5 -16.23 12.55 -16.91
C SER B 5 -15.19 13.10 -17.87
N PHE B 6 -14.12 13.71 -17.33
CA PHE B 6 -13.02 14.16 -18.18
C PHE B 6 -12.53 13.04 -19.10
N PHE B 7 -12.28 11.87 -18.51
CA PHE B 7 -11.80 10.76 -19.32
C PHE B 7 -12.86 10.27 -20.30
N LYS B 8 -14.14 10.31 -19.92
CA LYS B 8 -15.20 10.05 -20.89
C LYS B 8 -15.04 10.95 -22.11
N THR B 9 -14.79 12.24 -21.89
CA THR B 9 -14.60 13.11 -23.05
C THR B 9 -13.33 12.80 -23.82
N LEU B 10 -12.38 12.07 -23.25
CA LEU B 10 -11.21 11.73 -24.04
C LEU B 10 -11.33 10.41 -24.82
N ILE B 11 -12.50 9.75 -24.77
CA ILE B 11 -12.64 8.46 -25.41
C ILE B 11 -12.49 8.60 -26.93
N ASP B 12 -11.78 7.64 -27.54
CA ASP B 12 -11.43 7.57 -28.95
C ASP B 12 -10.33 8.55 -29.35
N THR B 13 -9.73 9.24 -28.37
CA THR B 13 -8.54 10.04 -28.62
C THR B 13 -7.31 9.28 -28.13
N GLU B 14 -6.15 9.76 -28.55
CA GLU B 14 -4.89 9.15 -28.15
C GLU B 14 -4.43 9.72 -26.81
N VAL B 15 -3.98 8.83 -25.92
CA VAL B 15 -3.36 9.20 -24.66
C VAL B 15 -2.13 8.34 -24.45
N THR B 16 -1.34 8.72 -23.46
CA THR B 16 -0.21 7.92 -22.98
C THR B 16 -0.35 7.74 -21.49
N VAL B 17 -0.43 6.49 -21.04
CA VAL B 17 -0.52 6.13 -19.64
C VAL B 17 0.86 5.74 -19.15
N GLU B 18 1.35 6.43 -18.13
CA GLU B 18 2.59 6.06 -17.47
C GLU B 18 2.24 5.33 -16.19
N LEU B 19 2.62 4.05 -16.12
CA LEU B 19 2.39 3.23 -14.95
C LEU B 19 3.38 3.54 -13.86
N LYS B 20 2.96 3.27 -12.62
CA LYS B 20 3.88 3.42 -11.49
C LYS B 20 5.12 2.53 -11.62
N ASN B 21 5.03 1.43 -12.38
CA ASN B 21 6.20 0.59 -12.61
C ASN B 21 7.11 1.15 -13.70
N ASP B 22 6.88 2.39 -14.16
CA ASP B 22 7.69 3.18 -15.09
C ASP B 22 7.47 2.85 -16.57
N MET B 23 6.61 1.90 -16.91
CA MET B 23 6.30 1.66 -18.31
C MET B 23 5.32 2.72 -18.81
N SER B 24 5.43 3.05 -20.09
CA SER B 24 4.55 4.04 -20.72
C SER B 24 3.91 3.41 -21.94
N ILE B 25 2.59 3.54 -22.04
CA ILE B 25 1.81 2.92 -23.10
C ILE B 25 1.02 4.02 -23.79
N ARG B 26 1.26 4.21 -25.08
CA ARG B 26 0.45 5.12 -25.88
C ARG B 26 -0.62 4.31 -26.60
N GLY B 27 -1.82 4.89 -26.73
CA GLY B 27 -2.87 4.19 -27.43
C GLY B 27 -4.16 4.99 -27.41
N ILE B 28 -5.18 4.42 -28.04
CA ILE B 28 -6.48 5.05 -28.15
C ILE B 28 -7.32 4.63 -26.94
N LEU B 29 -7.80 5.60 -26.19
CA LEU B 29 -8.65 5.34 -25.04
C LEU B 29 -10.02 4.86 -25.50
N LYS B 30 -10.39 3.63 -25.17
CA LYS B 30 -11.70 3.10 -25.54
C LYS B 30 -12.65 3.02 -24.36
N SER B 31 -12.16 3.11 -23.13
CA SER B 31 -13.03 2.83 -22.00
C SER B 31 -12.42 3.39 -20.72
N VAL B 32 -13.28 3.76 -19.79
CA VAL B 32 -12.88 4.20 -18.46
C VAL B 32 -14.08 4.02 -17.53
N ASP B 33 -13.82 3.56 -16.31
CA ASP B 33 -14.89 3.34 -15.34
C ASP B 33 -14.67 4.21 -14.10
N GLN B 34 -15.48 3.98 -13.07
CA GLN B 34 -15.48 4.84 -11.89
C GLN B 34 -14.15 4.79 -11.14
N PHE B 35 -13.43 3.67 -11.20
CA PHE B 35 -12.13 3.56 -10.54
C PHE B 35 -10.99 4.06 -11.41
N LEU B 36 -11.30 4.63 -12.57
CA LEU B 36 -10.32 5.05 -13.58
C LEU B 36 -9.51 3.89 -14.12
N ASN B 37 -10.03 2.66 -14.05
CA ASN B 37 -9.53 1.62 -14.93
C ASN B 37 -9.67 2.09 -16.36
N VAL B 38 -8.69 1.80 -17.20
CA VAL B 38 -8.80 2.21 -18.59
C VAL B 38 -8.56 1.02 -19.53
N LYS B 39 -9.18 1.09 -20.70
CA LYS B 39 -8.89 0.18 -21.79
C LYS B 39 -8.29 0.98 -22.94
N LEU B 40 -7.15 0.53 -23.43
CA LEU B 40 -6.51 1.11 -24.59
C LEU B 40 -6.54 0.13 -25.76
N GLU B 41 -6.63 0.69 -26.97
CA GLU B 41 -6.58 -0.06 -28.21
C GLU B 41 -5.45 0.45 -29.09
N ASN B 42 -4.99 -0.42 -29.97
CA ASN B 42 -3.94 -0.12 -30.93
C ASN B 42 -2.72 0.51 -30.23
N ILE B 43 -2.22 -0.22 -29.24
CA ILE B 43 -1.29 0.36 -28.30
C ILE B 43 0.12 0.34 -28.87
N SER B 44 0.96 1.21 -28.32
CA SER B 44 2.38 1.21 -28.59
C SER B 44 3.09 1.46 -27.27
N VAL B 45 4.07 0.62 -26.96
CA VAL B 45 4.82 0.73 -25.72
C VAL B 45 6.06 1.57 -25.98
N VAL B 46 6.28 2.58 -25.14
CA VAL B 46 7.51 3.36 -25.19
C VAL B 46 8.67 2.47 -24.82
N ASP B 47 9.76 2.55 -25.59
CA ASP B 47 10.94 1.70 -25.40
C ASP B 47 10.56 0.23 -25.47
N ALA B 48 9.89 -0.14 -26.58
CA ALA B 48 9.21 -1.42 -26.65
C ALA B 48 10.17 -2.60 -26.50
N SER B 49 11.42 -2.45 -26.93
CA SER B 49 12.37 -3.55 -26.81
C SER B 49 12.61 -3.92 -25.35
N LYS B 50 12.41 -2.98 -24.43
CA LYS B 50 12.60 -3.26 -23.01
C LYS B 50 11.49 -4.15 -22.47
N TYR B 51 10.36 -4.25 -23.16
CA TYR B 51 9.19 -4.99 -22.69
C TYR B 51 8.74 -5.98 -23.75
N PRO B 52 9.56 -6.99 -24.04
CA PRO B 52 9.27 -7.88 -25.18
C PRO B 52 7.93 -8.57 -25.09
N HIS B 53 7.49 -8.89 -23.86
CA HIS B 53 6.22 -9.58 -23.64
C HIS B 53 5.01 -8.81 -24.15
N MET B 54 5.17 -7.53 -24.51
CA MET B 54 4.06 -6.71 -24.98
C MET B 54 3.93 -6.69 -26.50
N ALA B 55 4.85 -7.32 -27.23
CA ALA B 55 4.89 -7.16 -28.68
C ALA B 55 3.63 -7.68 -29.35
N ALA B 56 3.04 -8.77 -28.84
CA ALA B 56 1.89 -9.39 -29.46
C ALA B 56 0.57 -8.93 -28.84
N VAL B 57 0.58 -7.83 -28.10
CA VAL B 57 -0.62 -7.31 -27.46
C VAL B 57 -1.13 -6.13 -28.28
N LYS B 58 -2.43 -6.12 -28.56
CA LYS B 58 -3.04 -5.03 -29.31
C LYS B 58 -3.95 -4.18 -28.45
N ASP B 59 -4.82 -4.81 -27.64
CA ASP B 59 -5.71 -4.12 -26.72
C ASP B 59 -5.33 -4.50 -25.30
N LEU B 60 -5.60 -3.60 -24.35
CA LEU B 60 -5.26 -3.95 -22.96
C LEU B 60 -6.11 -3.16 -21.96
N PHE B 61 -6.22 -3.76 -20.78
CA PHE B 61 -6.87 -3.17 -19.62
C PHE B 61 -5.78 -2.80 -18.60
N ILE B 62 -5.94 -1.64 -17.96
CA ILE B 62 -5.02 -1.16 -16.94
C ILE B 62 -5.82 -0.78 -15.71
N ARG B 63 -5.43 -1.33 -14.56
CA ARG B 63 -6.08 -1.04 -13.28
C ARG B 63 -5.78 0.39 -12.88
N GLY B 64 -6.81 1.13 -12.46
CA GLY B 64 -6.63 2.54 -12.14
C GLY B 64 -5.53 2.78 -11.13
N SER B 65 -5.43 1.91 -10.13
CA SER B 65 -4.52 2.11 -9.01
C SER B 65 -3.05 2.09 -9.41
N VAL B 66 -2.68 1.47 -10.55
CA VAL B 66 -1.27 1.42 -10.91
C VAL B 66 -0.86 2.56 -11.83
N VAL B 67 -1.79 3.44 -12.19
CA VAL B 67 -1.48 4.58 -13.04
C VAL B 67 -0.76 5.65 -12.22
N ARG B 68 0.37 6.13 -12.73
CA ARG B 68 0.98 7.35 -12.20
C ARG B 68 0.49 8.59 -12.96
N TYR B 69 0.62 8.61 -14.29
CA TYR B 69 0.18 9.72 -15.13
C TYR B 69 -0.63 9.21 -16.32
N VAL B 70 -1.58 10.03 -16.75
CA VAL B 70 -2.11 9.98 -18.11
C VAL B 70 -1.91 11.36 -18.74
N HIS B 71 -1.17 11.41 -19.85
CA HIS B 71 -0.92 12.69 -20.52
C HIS B 71 -1.33 12.60 -21.98
N MET B 72 -1.64 13.77 -22.54
CA MET B 72 -2.19 13.88 -23.89
C MET B 72 -2.00 15.30 -24.40
N SER B 73 -2.40 15.52 -25.65
CA SER B 73 -2.25 16.82 -26.29
C SER B 73 -3.30 17.79 -25.79
N SER B 74 -2.95 19.07 -25.77
CA SER B 74 -3.82 20.08 -25.18
C SER B 74 -4.90 20.51 -26.16
N ALA B 75 -6.04 20.92 -25.60
CA ALA B 75 -7.08 21.60 -26.36
C ALA B 75 -7.71 22.65 -25.45
N TYR B 76 -7.84 23.88 -25.95
CA TYR B 76 -8.32 24.99 -25.13
C TYR B 76 -9.74 24.73 -24.61
N VAL B 77 -10.62 24.22 -25.46
CA VAL B 77 -11.98 23.90 -25.05
C VAL B 77 -11.95 22.89 -23.90
N ASP B 78 -11.13 21.84 -24.03
CA ASP B 78 -10.89 20.89 -22.95
C ASP B 78 -10.54 21.62 -21.65
N THR B 79 -9.51 22.46 -21.70
CA THR B 79 -8.96 23.06 -20.48
C THR B 79 -10.00 23.92 -19.78
N ILE B 80 -10.67 24.80 -20.53
CA ILE B 80 -11.58 25.74 -19.89
C ILE B 80 -12.84 25.03 -19.41
N LEU B 81 -13.33 24.03 -20.16
CA LEU B 81 -14.50 23.29 -19.68
C LEU B 81 -14.16 22.46 -18.46
N LEU B 82 -12.94 21.93 -18.37
CA LEU B 82 -12.56 21.16 -17.19
C LEU B 82 -12.49 22.05 -15.97
N ALA B 83 -11.85 23.23 -16.10
CA ALA B 83 -11.80 24.16 -14.97
C ALA B 83 -13.21 24.59 -14.57
N ASP B 84 -14.07 24.88 -15.56
CA ASP B 84 -15.46 25.20 -15.28
C ASP B 84 -16.13 24.10 -14.45
N ALA B 85 -15.94 22.85 -14.85
CA ALA B 85 -16.57 21.74 -14.14
C ALA B 85 -16.06 21.63 -12.70
N CYS B 86 -14.75 21.81 -12.51
CA CYS B 86 -14.22 21.77 -11.15
C CYS B 86 -14.85 22.85 -10.28
N ARG B 87 -14.91 24.08 -10.81
CA ARG B 87 -15.57 25.16 -10.08
C ARG B 87 -17.04 24.86 -9.82
N ARG B 88 -17.70 24.18 -10.75
CA ARG B 88 -19.12 23.83 -10.58
C ARG B 88 -19.29 22.84 -9.43
N ASP B 89 -18.44 21.82 -9.38
CA ASP B 89 -18.48 20.90 -8.25
C ASP B 89 -18.24 21.63 -6.94
N LEU B 90 -17.29 22.57 -6.94
CA LEU B 90 -16.95 23.26 -5.70
C LEU B 90 -18.10 24.13 -5.21
N ALA B 91 -18.82 24.78 -6.14
CA ALA B 91 -20.02 25.50 -5.75
C ALA B 91 -21.10 24.55 -5.24
N ASN B 92 -21.29 23.42 -5.92
CA ASN B 92 -22.32 22.46 -5.54
C ASN B 92 -21.88 21.64 -4.32
N ASN B 93 -21.10 20.59 -4.57
CA ASN B 93 -20.64 19.71 -3.49
C ASN B 93 -19.59 20.40 -2.60
N ALA C 10 -9.65 27.21 6.45
CA ALA C 10 -10.39 26.49 7.48
C ALA C 10 -10.16 24.99 7.36
N GLU C 11 -9.95 24.52 6.14
CA GLU C 11 -9.60 23.12 5.92
C GLU C 11 -8.48 23.03 4.91
N PRO C 12 -7.62 22.02 5.01
CA PRO C 12 -6.39 22.00 4.18
C PRO C 12 -6.65 22.08 2.68
N LEU C 13 -7.65 21.36 2.17
CA LEU C 13 -7.92 21.38 0.72
C LEU C 13 -8.21 22.77 0.19
N ASP C 14 -8.59 23.73 1.04
CA ASP C 14 -8.75 25.12 0.61
C ASP C 14 -7.48 25.67 -0.05
N LEU C 15 -6.30 25.31 0.48
CA LEU C 15 -5.05 25.70 -0.17
C LEU C 15 -5.04 25.28 -1.64
N VAL C 16 -5.55 24.08 -1.93
CA VAL C 16 -5.61 23.61 -3.32
C VAL C 16 -6.71 24.35 -4.07
N ARG C 17 -7.86 24.56 -3.42
CA ARG C 17 -8.96 25.28 -4.04
C ARG C 17 -8.51 26.66 -4.53
N LEU C 18 -7.92 27.46 -3.63
CA LEU C 18 -7.43 28.78 -3.96
C LEU C 18 -6.27 28.75 -4.94
N SER C 19 -5.74 27.58 -5.29
CA SER C 19 -4.64 27.49 -6.23
C SER C 19 -5.11 27.21 -7.65
N LEU C 20 -6.42 27.08 -7.87
CA LEU C 20 -6.95 26.83 -9.20
C LEU C 20 -6.48 27.89 -10.19
N ASP C 21 -6.27 27.46 -11.43
CA ASP C 21 -5.72 28.24 -12.53
C ASP C 21 -4.35 28.84 -12.22
N GLU C 22 -3.72 28.44 -11.11
CA GLU C 22 -2.39 28.91 -10.77
C GLU C 22 -1.34 27.86 -11.07
N ILE C 23 -0.11 28.32 -11.27
CA ILE C 23 1.04 27.44 -11.35
C ILE C 23 1.34 26.93 -9.93
N VAL C 24 1.17 25.63 -9.73
CA VAL C 24 1.43 25.00 -8.45
C VAL C 24 2.70 24.16 -8.58
N TYR C 25 3.31 23.91 -7.42
CA TYR C 25 4.41 22.97 -7.29
C TYR C 25 3.91 21.71 -6.60
N VAL C 26 4.26 20.54 -7.12
CA VAL C 26 3.79 19.27 -6.58
C VAL C 26 4.99 18.36 -6.35
N LYS C 27 5.07 17.79 -5.17
CA LYS C 27 6.07 16.78 -4.84
C LYS C 27 5.40 15.41 -4.80
N LEU C 28 5.98 14.45 -5.52
CA LEU C 28 5.42 13.12 -5.71
C LEU C 28 6.41 12.03 -5.32
N ARG C 29 5.84 10.91 -4.85
CA ARG C 29 6.62 9.70 -4.59
C ARG C 29 7.46 9.32 -5.81
N GLY C 30 8.53 8.57 -5.55
CA GLY C 30 9.45 8.19 -6.60
C GLY C 30 10.42 9.29 -6.98
N ASP C 31 10.66 10.24 -6.08
CA ASP C 31 11.56 11.37 -6.34
C ASP C 31 11.12 12.17 -7.56
N ARG C 32 9.83 12.50 -7.61
CA ARG C 32 9.33 13.27 -8.76
C ARG C 32 8.81 14.62 -8.31
N GLU C 33 8.95 15.62 -9.18
CA GLU C 33 8.41 16.93 -8.93
C GLU C 33 7.71 17.44 -10.18
N LEU C 34 6.60 18.15 -9.98
CA LEU C 34 5.85 18.77 -11.06
C LEU C 34 5.75 20.26 -10.80
N ASN C 35 5.78 21.03 -11.89
CA ASN C 35 5.40 22.44 -11.88
C ASN C 35 4.41 22.63 -13.01
N GLY C 36 3.23 23.14 -12.70
CA GLY C 36 2.27 23.31 -13.77
C GLY C 36 1.03 24.05 -13.33
N ARG C 37 0.28 24.53 -14.32
CA ARG C 37 -0.96 25.27 -14.05
C ARG C 37 -2.06 24.29 -13.67
N LEU C 38 -2.58 24.45 -12.46
CA LEU C 38 -3.63 23.57 -11.95
C LEU C 38 -4.96 23.90 -12.60
N HIS C 39 -5.53 22.94 -13.34
CA HIS C 39 -6.83 23.17 -13.95
C HIS C 39 -7.97 22.49 -13.21
N ALA C 40 -7.71 21.41 -12.48
CA ALA C 40 -8.76 20.73 -11.72
C ALA C 40 -8.09 19.76 -10.74
N TYR C 41 -8.85 19.42 -9.70
CA TYR C 41 -8.43 18.45 -8.69
C TYR C 41 -9.68 17.90 -8.02
N ASP C 42 -9.51 16.84 -7.23
CA ASP C 42 -10.60 16.24 -6.46
C ASP C 42 -10.09 15.86 -5.07
N GLU C 43 -10.95 15.24 -4.28
CA GLU C 43 -10.61 14.98 -2.89
C GLU C 43 -9.54 13.90 -2.71
N HIS C 44 -9.26 13.09 -3.73
CA HIS C 44 -8.07 12.22 -3.69
C HIS C 44 -6.77 12.96 -3.96
N LEU C 45 -6.86 14.21 -4.42
CA LEU C 45 -5.76 14.97 -5.00
C LEU C 45 -5.31 14.42 -6.34
N ASN C 46 -6.16 13.66 -7.04
CA ASN C 46 -6.03 13.61 -8.50
C ASN C 46 -6.05 15.04 -9.00
N MET C 47 -5.23 15.34 -10.01
CA MET C 47 -5.33 16.68 -10.59
C MET C 47 -4.97 16.63 -12.06
N VAL C 48 -5.33 17.70 -12.77
CA VAL C 48 -4.85 17.91 -14.13
C VAL C 48 -4.05 19.21 -14.14
N LEU C 49 -2.84 19.13 -14.68
CA LEU C 49 -1.94 20.27 -14.82
C LEU C 49 -1.72 20.52 -16.30
N GLY C 50 -1.70 21.80 -16.68
CA GLY C 50 -1.44 22.20 -18.05
C GLY C 50 -0.04 22.75 -18.15
N ASP C 51 0.60 22.54 -19.30
CA ASP C 51 1.93 23.09 -19.56
C ASP C 51 2.89 22.77 -18.40
N ALA C 52 3.01 21.47 -18.15
CA ALA C 52 3.64 20.95 -16.93
C ALA C 52 5.07 20.50 -17.20
N GLU C 53 5.97 20.86 -16.30
CA GLU C 53 7.33 20.35 -16.29
C GLU C 53 7.47 19.33 -15.18
N GLU C 54 8.22 18.26 -15.46
CA GLU C 54 8.52 17.22 -14.49
C GLU C 54 10.02 17.10 -14.30
N ILE C 55 10.44 17.02 -13.05
CA ILE C 55 11.82 16.77 -12.66
C ILE C 55 11.87 15.40 -12.00
N VAL C 56 12.56 14.46 -12.64
CA VAL C 56 12.83 13.15 -12.08
C VAL C 56 14.27 13.15 -11.57
N THR C 57 14.45 12.90 -10.28
CA THR C 57 15.78 12.84 -9.67
C THR C 57 16.23 11.39 -9.53
N ILE C 58 17.45 11.11 -9.99
CA ILE C 58 18.05 9.78 -9.95
C ILE C 58 19.42 9.86 -9.28
N PHE C 59 19.77 8.78 -8.58
CA PHE C 59 21.02 8.71 -7.84
C PHE C 59 22.13 8.02 -8.64
N LEU C 70 21.42 13.64 -7.30
CA LEU C 70 22.53 13.54 -8.24
C LEU C 70 22.15 14.08 -9.62
N LYS C 71 21.50 13.26 -10.45
CA LYS C 71 21.16 13.64 -11.81
C LYS C 71 19.66 13.89 -11.94
N THR C 72 19.28 14.78 -12.85
CA THR C 72 17.87 15.12 -13.03
C THR C 72 17.48 15.02 -14.50
N ILE C 73 16.36 14.36 -14.76
CA ILE C 73 15.75 14.30 -16.09
C ILE C 73 14.54 15.24 -16.09
N ARG C 74 14.47 16.09 -17.10
CA ARG C 74 13.38 17.04 -17.25
C ARG C 74 12.48 16.61 -18.40
N LYS C 75 11.17 16.69 -18.18
CA LYS C 75 10.19 16.30 -19.17
C LYS C 75 9.08 17.35 -19.22
N HIS C 76 8.37 17.40 -20.33
CA HIS C 76 7.33 18.40 -20.55
C HIS C 76 6.05 17.72 -21.04
N TYR C 77 4.91 18.22 -20.56
CA TYR C 77 3.60 17.68 -20.91
C TYR C 77 2.65 18.84 -21.19
N GLU C 78 1.92 18.75 -22.30
CA GLU C 78 0.91 19.76 -22.59
C GLU C 78 -0.25 19.67 -21.61
N MET C 79 -0.66 18.46 -21.28
CA MET C 79 -1.80 18.23 -20.40
C MET C 79 -1.55 16.92 -19.66
N LEU C 80 -1.60 16.96 -18.32
CA LEU C 80 -1.11 15.85 -17.51
C LEU C 80 -2.10 15.56 -16.39
N PHE C 81 -2.71 14.37 -16.42
CA PHE C 81 -3.47 13.88 -15.26
C PHE C 81 -2.49 13.19 -14.31
N VAL C 82 -2.58 13.54 -13.02
CA VAL C 82 -1.79 12.93 -11.96
C VAL C 82 -2.72 12.23 -11.00
N ARG C 83 -2.44 10.95 -10.73
CA ARG C 83 -3.23 10.20 -9.75
C ARG C 83 -2.84 10.63 -8.35
N GLY C 84 -3.84 10.86 -7.50
CA GLY C 84 -3.59 11.51 -6.22
C GLY C 84 -2.74 10.69 -5.26
N ASP C 85 -2.74 9.36 -5.40
CA ASP C 85 -2.05 8.54 -4.41
C ASP C 85 -0.54 8.69 -4.45
N SER C 86 0.02 9.26 -5.53
CA SER C 86 1.45 9.54 -5.57
C SER C 86 1.83 10.87 -4.94
N VAL C 87 0.84 11.70 -4.59
CA VAL C 87 1.11 13.08 -4.19
C VAL C 87 1.61 13.12 -2.76
N ILE C 88 2.70 13.86 -2.53
CA ILE C 88 3.22 14.09 -1.19
C ILE C 88 2.83 15.50 -0.75
N LEU C 89 3.20 16.50 -1.55
CA LEU C 89 3.03 17.89 -1.13
C LEU C 89 2.55 18.74 -2.30
N ILE C 90 1.67 19.70 -2.01
CA ILE C 90 1.27 20.72 -2.97
C ILE C 90 1.56 22.09 -2.37
N ALA C 91 2.18 22.98 -3.15
CA ALA C 91 2.49 24.34 -2.72
C ALA C 91 1.90 25.34 -3.70
N PRO C 92 1.06 26.25 -3.25
CA PRO C 92 0.56 27.34 -4.11
C PRO C 92 1.70 28.23 -4.60
N PRO C 93 1.46 29.07 -5.59
CA PRO C 93 2.52 29.96 -6.06
C PRO C 93 2.77 31.11 -5.08
N ARG C 94 3.97 31.69 -5.18
CA ARG C 94 4.42 32.73 -4.25
C ARG C 94 3.74 34.08 -4.47
N MET D 1 -18.20 -18.06 -12.95
CA MET D 1 -18.03 -18.32 -11.51
C MET D 1 -16.94 -17.46 -10.89
N LEU D 2 -17.33 -16.63 -9.93
CA LEU D 2 -16.46 -15.59 -9.42
C LEU D 2 -15.20 -16.18 -8.77
N PRO D 3 -14.08 -15.44 -8.83
CA PRO D 3 -12.85 -15.91 -8.14
C PRO D 3 -13.06 -16.33 -6.70
N LEU D 4 -13.75 -15.51 -5.90
CA LEU D 4 -13.93 -15.85 -4.49
C LEU D 4 -14.90 -17.01 -4.30
N THR D 5 -15.83 -17.21 -5.23
CA THR D 5 -16.66 -18.41 -5.17
C THR D 5 -15.84 -19.67 -5.39
N LEU D 6 -14.95 -19.65 -6.39
CA LEU D 6 -13.99 -20.74 -6.55
C LEU D 6 -13.19 -20.95 -5.27
N LEU D 7 -12.72 -19.86 -4.66
CA LEU D 7 -11.94 -19.95 -3.44
C LEU D 7 -12.72 -20.66 -2.33
N ASN D 8 -13.97 -20.23 -2.10
CA ASN D 8 -14.82 -20.90 -1.12
C ASN D 8 -15.01 -22.38 -1.48
N ALA D 9 -15.14 -22.69 -2.78
CA ALA D 9 -15.29 -24.09 -3.19
C ALA D 9 -14.01 -24.90 -3.05
N THR D 10 -12.86 -24.26 -2.81
CA THR D 10 -11.62 -25.00 -2.62
C THR D 10 -11.42 -25.47 -1.17
N GLN D 11 -12.35 -25.15 -0.27
CA GLN D 11 -12.21 -25.58 1.12
C GLN D 11 -12.09 -27.09 1.20
N GLY D 12 -11.06 -27.56 1.90
CA GLY D 12 -10.79 -28.97 2.05
C GLY D 12 -9.70 -29.51 1.13
N ARG D 13 -9.28 -28.74 0.15
CA ARG D 13 -8.39 -29.23 -0.89
C ARG D 13 -7.06 -28.49 -0.84
N PRO D 14 -6.03 -29.05 -1.48
CA PRO D 14 -4.72 -28.37 -1.49
C PRO D 14 -4.80 -27.02 -2.18
N ILE D 15 -3.89 -26.13 -1.78
CA ILE D 15 -3.80 -24.76 -2.26
C ILE D 15 -2.35 -24.34 -2.12
N LEU D 16 -1.93 -23.45 -3.02
CA LEU D 16 -0.66 -22.74 -2.87
C LEU D 16 -0.97 -21.26 -2.74
N VAL D 17 -0.44 -20.63 -1.71
CA VAL D 17 -0.58 -19.19 -1.50
C VAL D 17 0.78 -18.55 -1.66
N GLU D 18 0.89 -17.56 -2.55
CA GLU D 18 2.07 -16.72 -2.56
C GLU D 18 1.73 -15.35 -1.99
N LEU D 19 2.50 -14.93 -0.99
CA LEU D 19 2.40 -13.62 -0.36
C LEU D 19 3.12 -12.55 -1.19
N LYS D 20 2.84 -11.29 -0.85
CA LYS D 20 3.42 -10.17 -1.60
C LYS D 20 4.94 -10.16 -1.54
N ASN D 21 5.54 -10.72 -0.49
CA ASN D 21 7.00 -10.74 -0.41
C ASN D 21 7.61 -12.00 -0.97
N GLY D 22 6.83 -12.86 -1.64
CA GLY D 22 7.38 -14.03 -2.30
C GLY D 22 7.38 -15.31 -1.48
N GLU D 23 7.10 -15.23 -0.17
CA GLU D 23 6.87 -16.45 0.61
C GLU D 23 5.73 -17.26 0.00
N THR D 24 5.85 -18.60 0.07
CA THR D 24 4.79 -19.49 -0.39
C THR D 24 4.35 -20.40 0.74
N PHE D 25 3.06 -20.68 0.78
CA PHE D 25 2.42 -21.55 1.76
C PHE D 25 1.66 -22.64 1.01
N ASN D 26 2.09 -23.88 1.17
CA ASN D 26 1.39 -25.02 0.59
C ASN D 26 0.57 -25.70 1.67
N GLY D 27 -0.72 -25.93 1.41
CA GLY D 27 -1.48 -26.68 2.39
C GLY D 27 -2.94 -26.77 2.01
N HIS D 28 -3.73 -27.35 2.90
CA HIS D 28 -5.15 -27.52 2.64
C HIS D 28 -5.92 -26.29 3.10
N LEU D 29 -6.79 -25.76 2.24
CA LEU D 29 -7.64 -24.66 2.61
C LEU D 29 -8.61 -25.09 3.69
N GLU D 30 -8.48 -24.51 4.87
CA GLU D 30 -9.43 -24.77 5.93
C GLU D 30 -10.62 -23.83 5.84
N ASN D 31 -10.37 -22.54 5.73
CA ASN D 31 -11.48 -21.59 5.69
C ASN D 31 -11.03 -20.33 4.97
N CYS D 32 -12.00 -19.51 4.58
CA CYS D 32 -11.71 -18.26 3.90
C CYS D 32 -12.89 -17.31 4.07
N ASP D 33 -12.64 -16.02 3.84
CA ASP D 33 -13.69 -15.03 3.96
C ASP D 33 -13.58 -14.05 2.80
N ASN D 34 -14.45 -13.04 2.82
CA ASN D 34 -14.55 -12.10 1.71
C ASN D 34 -13.38 -11.13 1.65
N TYR D 35 -12.64 -10.96 2.76
CA TYR D 35 -11.36 -10.25 2.72
C TYR D 35 -10.28 -11.03 2.01
N MET D 36 -10.54 -12.30 1.67
CA MET D 36 -9.53 -13.27 1.26
C MET D 36 -8.60 -13.67 2.41
N ASN D 37 -8.99 -13.41 3.66
CA ASN D 37 -8.31 -14.06 4.78
C ASN D 37 -8.45 -15.57 4.61
N LEU D 38 -7.39 -16.29 4.94
CA LEU D 38 -7.37 -17.73 4.78
C LEU D 38 -6.95 -18.37 6.08
N THR D 39 -7.40 -19.60 6.26
CA THR D 39 -6.81 -20.50 7.24
C THR D 39 -6.45 -21.78 6.50
N LEU D 40 -5.24 -22.25 6.73
CA LEU D 40 -4.66 -23.44 6.12
C LEU D 40 -4.25 -24.45 7.18
N ARG D 41 -4.34 -25.74 6.82
CA ARG D 41 -3.84 -26.83 7.65
C ARG D 41 -2.74 -27.58 6.91
N GLU D 42 -1.85 -28.21 7.68
CA GLU D 42 -0.78 -29.06 7.13
C GLU D 42 0.03 -28.30 6.08
N VAL D 43 0.79 -27.33 6.58
CA VAL D 43 1.37 -26.26 5.77
C VAL D 43 2.87 -26.44 5.66
N ILE D 44 3.39 -26.20 4.45
CA ILE D 44 4.82 -26.02 4.20
C ILE D 44 5.05 -24.56 3.81
N ARG D 45 5.85 -23.85 4.60
CA ARG D 45 6.20 -22.46 4.37
C ARG D 45 7.58 -22.40 3.74
N THR D 46 7.66 -21.85 2.52
CA THR D 46 8.92 -21.61 1.84
C THR D 46 9.21 -20.11 1.83
N MET D 47 10.42 -19.74 2.25
CA MET D 47 10.83 -18.35 2.32
C MET D 47 11.18 -17.83 0.93
N PRO D 48 11.19 -16.48 0.74
CA PRO D 48 11.30 -15.91 -0.62
C PRO D 48 12.44 -16.48 -1.45
N ASP D 49 13.67 -16.35 -0.95
CA ASP D 49 14.84 -16.82 -1.70
C ASP D 49 14.80 -18.30 -2.04
N GLY D 50 13.81 -19.05 -1.53
CA GLY D 50 13.81 -20.49 -1.69
C GLY D 50 14.81 -21.21 -0.82
N ASP D 51 15.40 -20.53 0.17
CA ASP D 51 16.48 -21.11 0.98
C ASP D 51 15.93 -21.98 2.10
N LYS D 52 15.24 -21.37 3.07
CA LYS D 52 14.79 -22.06 4.27
C LYS D 52 13.32 -22.49 4.14
N PHE D 53 12.97 -23.59 4.81
CA PHE D 53 11.64 -24.17 4.77
C PHE D 53 11.16 -24.48 6.18
N PHE D 54 9.84 -24.52 6.36
CA PHE D 54 9.23 -24.78 7.65
C PHE D 54 7.96 -25.59 7.47
N ARG D 55 7.60 -26.37 8.50
CA ARG D 55 6.32 -27.06 8.58
C ARG D 55 5.49 -26.44 9.68
N LEU D 56 4.22 -26.15 9.39
CA LEU D 56 3.30 -25.55 10.35
C LEU D 56 2.03 -26.39 10.36
N PRO D 57 1.56 -26.84 11.53
CA PRO D 57 0.30 -27.59 11.58
C PRO D 57 -0.89 -26.81 11.06
N GLU D 58 -0.90 -25.49 11.24
CA GLU D 58 -1.95 -24.64 10.69
C GLU D 58 -1.47 -23.21 10.70
N CYS D 59 -2.20 -22.36 9.99
CA CYS D 59 -1.81 -20.95 9.96
C CYS D 59 -2.97 -20.12 9.42
N TYR D 60 -2.94 -18.84 9.77
CA TYR D 60 -3.88 -17.84 9.31
C TYR D 60 -3.13 -16.82 8.45
N ILE D 61 -3.73 -16.42 7.34
CA ILE D 61 -3.11 -15.46 6.43
C ILE D 61 -4.09 -14.33 6.19
N ARG D 62 -3.67 -13.10 6.49
CA ARG D 62 -4.52 -11.94 6.27
C ARG D 62 -4.60 -11.67 4.77
N GLY D 63 -5.81 -11.37 4.30
CA GLY D 63 -6.05 -11.32 2.86
C GLY D 63 -5.21 -10.29 2.12
N ASN D 64 -4.94 -9.14 2.74
CA ASN D 64 -4.26 -8.08 1.99
C ASN D 64 -2.75 -8.27 1.93
N ASN D 65 -2.27 -9.44 2.36
CA ASN D 65 -0.87 -9.84 2.18
C ASN D 65 -0.68 -10.79 1.00
N ILE D 66 -1.75 -11.18 0.30
CA ILE D 66 -1.67 -12.21 -0.73
C ILE D 66 -1.31 -11.60 -2.07
N LYS D 67 -0.37 -12.24 -2.77
CA LYS D 67 -0.12 -11.98 -4.19
C LYS D 67 -1.04 -12.82 -5.08
N TYR D 68 -0.96 -14.14 -4.95
CA TYR D 68 -1.92 -14.97 -5.68
C TYR D 68 -2.10 -16.32 -5.01
N LEU D 69 -3.03 -17.08 -5.56
CA LEU D 69 -3.36 -18.42 -5.13
C LEU D 69 -3.33 -19.32 -6.36
N ARG D 70 -2.85 -20.54 -6.18
CA ARG D 70 -2.91 -21.57 -7.20
C ARG D 70 -3.69 -22.76 -6.67
N ILE D 71 -4.53 -23.33 -7.53
CA ILE D 71 -5.33 -24.50 -7.20
C ILE D 71 -5.25 -25.50 -8.35
N GLN D 72 -5.58 -26.76 -8.03
CA GLN D 72 -5.59 -27.81 -9.04
C GLN D 72 -6.70 -27.56 -10.06
N ASP D 73 -6.39 -27.80 -11.33
CA ASP D 73 -7.40 -27.68 -12.39
C ASP D 73 -8.60 -28.56 -12.12
N GLU D 74 -8.35 -29.76 -11.57
CA GLU D 74 -9.42 -30.71 -11.25
C GLU D 74 -10.49 -30.08 -10.38
N VAL D 75 -10.07 -29.23 -9.44
CA VAL D 75 -11.01 -28.53 -8.56
C VAL D 75 -11.95 -27.66 -9.38
N LEU D 76 -11.40 -26.92 -10.35
CA LEU D 76 -12.24 -26.06 -11.17
C LEU D 76 -13.22 -26.88 -11.99
N SER D 77 -12.76 -28.03 -12.52
CA SER D 77 -13.66 -28.92 -13.24
C SER D 77 -14.80 -29.41 -12.34
N GLN D 78 -14.46 -29.99 -11.18
CA GLN D 78 -15.45 -30.57 -10.30
C GLN D 78 -16.38 -29.54 -9.67
N VAL D 79 -15.95 -28.27 -9.61
CA VAL D 79 -16.83 -27.21 -9.13
C VAL D 79 -17.77 -26.77 -10.25
N ALA D 80 -17.27 -26.70 -11.49
CA ALA D 80 -18.15 -26.43 -12.62
C ALA D 80 -19.25 -27.50 -12.73
N LYS D 81 -18.89 -28.77 -12.52
CA LYS D 81 -19.87 -29.85 -12.63
C LYS D 81 -20.89 -29.86 -11.49
N GLN D 82 -20.62 -29.13 -10.40
CA GLN D 82 -21.55 -29.05 -9.28
C GLN D 82 -21.83 -27.59 -8.91
N ILE E 5 -7.79 -10.89 28.82
CA ILE E 5 -7.27 -9.53 28.77
C ILE E 5 -7.55 -8.91 27.41
N LEU E 6 -8.24 -7.78 27.38
CA LEU E 6 -8.51 -7.15 26.10
C LEU E 6 -7.37 -6.20 25.73
N PRO E 7 -6.85 -6.29 24.50
CA PRO E 7 -5.71 -5.44 24.12
C PRO E 7 -5.89 -3.95 24.40
N LEU E 8 -7.01 -3.37 23.96
CA LEU E 8 -7.19 -1.94 24.10
C LEU E 8 -7.39 -1.52 25.56
N GLU E 9 -7.97 -2.41 26.39
CA GLU E 9 -8.05 -2.09 27.81
C GLU E 9 -6.67 -2.03 28.45
N LEU E 10 -5.77 -2.93 28.03
CA LEU E 10 -4.39 -2.85 28.52
C LEU E 10 -3.75 -1.53 28.11
N ILE E 11 -3.99 -1.11 26.87
CA ILE E 11 -3.42 0.18 26.44
C ILE E 11 -4.00 1.30 27.29
N ASP E 12 -5.32 1.30 27.50
CA ASP E 12 -5.96 2.34 28.28
C ASP E 12 -5.42 2.37 29.71
N LYS E 13 -5.14 1.19 30.27
CA LYS E 13 -4.56 1.12 31.59
C LYS E 13 -3.18 1.73 31.64
N CYS E 14 -2.50 1.81 30.49
CA CYS E 14 -1.18 2.42 30.42
C CYS E 14 -1.19 3.96 30.39
N ILE E 15 -2.36 4.62 30.33
CA ILE E 15 -2.37 6.07 30.20
C ILE E 15 -1.74 6.71 31.44
N GLY E 16 -0.89 7.72 31.20
CA GLY E 16 -0.07 8.32 32.23
C GLY E 16 1.28 7.65 32.47
N SER E 17 1.47 6.42 31.99
CA SER E 17 2.70 5.66 32.17
C SER E 17 3.49 5.62 30.87
N ASN E 18 4.67 4.99 30.94
CA ASN E 18 5.54 4.86 29.78
C ASN E 18 5.02 3.77 28.85
N LEU E 19 5.19 4.00 27.55
CA LEU E 19 4.74 3.09 26.51
C LEU E 19 5.79 3.06 25.40
N TRP E 20 6.15 1.85 24.99
CA TRP E 20 7.17 1.60 23.97
C TRP E 20 6.45 1.15 22.71
N VAL E 21 6.61 1.89 21.63
CA VAL E 21 5.91 1.67 20.37
C VAL E 21 6.95 1.21 19.35
N ILE E 22 6.66 0.10 18.68
CA ILE E 22 7.59 -0.46 17.69
C ILE E 22 6.88 -0.48 16.35
N MET E 23 7.46 0.23 15.38
CA MET E 23 6.87 0.36 14.06
C MET E 23 7.25 -0.83 13.20
N LYS E 24 6.63 -0.92 12.02
CA LYS E 24 6.99 -2.00 11.11
C LYS E 24 8.38 -1.79 10.54
N SER E 25 8.75 -0.53 10.31
CA SER E 25 10.12 -0.20 9.92
C SER E 25 11.00 -0.19 11.16
N GLU E 26 12.30 0.03 10.95
CA GLU E 26 13.30 0.04 12.02
C GLU E 26 13.23 1.39 12.75
N ARG E 27 12.13 1.58 13.46
CA ARG E 27 11.89 2.82 14.16
C ARG E 27 11.03 2.53 15.38
N GLU E 28 11.35 3.20 16.49
CA GLU E 28 10.67 2.96 17.75
C GLU E 28 10.48 4.30 18.47
N PHE E 29 9.49 4.36 19.34
CA PHE E 29 9.23 5.52 20.17
C PHE E 29 8.97 5.06 21.59
N ALA E 30 9.44 5.81 22.58
CA ALA E 30 9.15 5.48 23.97
C ALA E 30 8.83 6.76 24.71
N GLY E 31 7.66 6.80 25.33
CA GLY E 31 7.31 8.00 26.07
C GLY E 31 6.05 7.79 26.86
N THR E 32 5.63 8.85 27.55
CA THR E 32 4.45 8.78 28.40
C THR E 32 3.20 8.80 27.54
N LEU E 33 2.34 7.80 27.71
CA LEU E 33 1.11 7.74 26.94
C LEU E 33 0.13 8.80 27.45
N VAL E 34 -0.17 9.77 26.62
CA VAL E 34 -1.23 10.74 26.91
C VAL E 34 -2.59 10.20 26.51
N GLY E 35 -2.68 9.63 25.32
CA GLY E 35 -3.99 9.11 24.92
C GLY E 35 -3.97 8.51 23.54
N PHE E 36 -5.13 7.99 23.14
CA PHE E 36 -5.28 7.39 21.82
C PHE E 36 -6.74 7.37 21.40
N ASP E 37 -6.97 7.22 20.09
CA ASP E 37 -8.31 7.27 19.51
C ASP E 37 -8.69 5.90 18.95
N ASP E 38 -9.75 5.89 18.12
CA ASP E 38 -10.34 4.64 17.66
C ASP E 38 -9.46 3.90 16.65
N TYR E 39 -8.49 4.56 16.04
CA TYR E 39 -7.57 3.90 15.14
C TYR E 39 -6.21 3.68 15.77
N VAL E 40 -6.09 3.91 17.08
CA VAL E 40 -4.86 3.84 17.85
C VAL E 40 -3.78 4.68 17.19
N ASN E 41 -4.17 5.85 16.68
CA ASN E 41 -3.23 6.97 16.67
C ASN E 41 -2.97 7.36 18.12
N ILE E 42 -1.74 7.73 18.43
CA ILE E 42 -1.29 7.81 19.82
C ILE E 42 -0.67 9.17 20.08
N VAL E 43 -0.99 9.76 21.24
CA VAL E 43 -0.31 10.97 21.72
C VAL E 43 0.61 10.56 22.86
N LEU E 44 1.91 10.78 22.64
CA LEU E 44 2.96 10.55 23.62
C LEU E 44 3.61 11.87 24.02
N LYS E 45 4.07 11.94 25.28
CA LYS E 45 4.78 13.12 25.77
C LYS E 45 6.10 12.70 26.40
N ASP E 46 7.07 13.63 26.40
CA ASP E 46 8.45 13.37 26.84
C ASP E 46 8.97 12.07 26.22
N VAL E 47 9.15 12.15 24.90
CA VAL E 47 9.31 10.97 24.04
C VAL E 47 10.75 10.92 23.54
N THR E 48 11.27 9.72 23.42
CA THR E 48 12.50 9.47 22.69
C THR E 48 12.17 8.63 21.46
N GLU E 49 12.61 9.10 20.30
CA GLU E 49 12.46 8.40 19.04
C GLU E 49 13.79 7.74 18.69
N TYR E 50 13.73 6.47 18.27
CA TYR E 50 14.90 5.66 18.00
C TYR E 50 14.88 5.24 16.54
N ASP E 51 15.99 5.49 15.84
CA ASP E 51 16.28 4.85 14.56
C ASP E 51 17.17 3.65 14.89
N THR E 52 16.63 2.44 14.76
CA THR E 52 17.35 1.26 15.20
C THR E 52 18.27 0.68 14.13
N VAL E 53 18.42 1.35 12.99
CA VAL E 53 19.49 1.02 12.06
C VAL E 53 20.70 1.92 12.29
N THR E 54 20.47 3.23 12.40
CA THR E 54 21.57 4.17 12.67
C THR E 54 21.89 4.30 14.15
N GLY E 55 20.97 3.96 15.05
CA GLY E 55 21.18 4.18 16.46
C GLY E 55 20.98 5.61 16.93
N VAL E 56 20.73 6.54 16.02
CA VAL E 56 20.46 7.92 16.40
C VAL E 56 19.13 7.99 17.16
N THR E 57 19.10 8.79 18.22
CA THR E 57 17.88 9.08 18.95
C THR E 57 17.58 10.58 18.91
N GLU E 58 16.31 10.90 19.00
CA GLU E 58 15.83 12.28 19.08
C GLU E 58 14.84 12.39 20.23
N LYS E 59 14.63 13.61 20.69
CA LYS E 59 13.66 13.87 21.74
C LYS E 59 12.50 14.71 21.21
N HIS E 60 11.33 14.52 21.80
CA HIS E 60 10.15 15.30 21.46
C HIS E 60 9.39 15.57 22.75
N SER E 61 8.85 16.77 22.88
CA SER E 61 8.11 17.08 24.11
C SER E 61 6.71 16.48 24.07
N GLU E 62 6.05 16.55 22.93
CA GLU E 62 4.73 15.95 22.77
C GLU E 62 4.44 15.74 21.29
N MET E 63 3.84 14.59 20.95
CA MET E 63 3.66 14.25 19.56
C MET E 63 2.45 13.35 19.38
N LEU E 64 1.83 13.49 18.20
CA LEU E 64 0.80 12.59 17.72
C LEU E 64 1.42 11.64 16.69
N LEU E 65 1.42 10.35 17.00
CA LEU E 65 1.94 9.30 16.13
C LEU E 65 0.80 8.69 15.33
N ASN E 66 0.95 8.69 14.01
CA ASN E 66 0.05 7.95 13.12
C ASN E 66 0.12 6.47 13.45
N GLY E 67 -1.04 5.87 13.75
CA GLY E 67 -1.10 4.47 14.10
C GLY E 67 -0.87 3.50 12.96
N ASN E 68 -0.86 3.98 11.71
CA ASN E 68 -0.77 3.10 10.54
C ASN E 68 0.35 2.08 10.64
N GLY E 69 1.56 2.52 11.00
CA GLY E 69 2.67 1.59 10.94
C GLY E 69 2.97 0.81 12.21
N MET E 70 2.11 0.88 13.23
CA MET E 70 2.44 0.35 14.55
C MET E 70 2.25 -1.15 14.59
N CYS E 71 3.32 -1.87 14.88
CA CYS E 71 3.20 -3.30 15.08
C CYS E 71 2.95 -3.64 16.53
N MET E 72 3.70 -3.00 17.45
CA MET E 72 3.67 -3.44 18.84
C MET E 72 3.62 -2.27 19.81
N LEU E 73 2.82 -2.44 20.87
CA LEU E 73 2.70 -1.47 21.95
C LEU E 73 3.01 -2.18 23.26
N ILE E 74 4.05 -1.74 23.93
CA ILE E 74 4.62 -2.43 25.08
C ILE E 74 4.48 -1.52 26.30
N PRO E 75 3.52 -1.80 27.17
CA PRO E 75 3.37 -0.97 28.39
C PRO E 75 4.61 -1.07 29.25
N GLY E 76 4.88 0.00 29.99
CA GLY E 76 6.08 0.08 30.79
C GLY E 76 7.30 0.62 30.08
N GLY E 77 7.18 0.99 28.81
CA GLY E 77 8.31 1.62 28.15
C GLY E 77 9.43 0.65 27.78
N LYS E 78 10.58 1.24 27.48
CA LYS E 78 11.71 0.52 26.92
C LYS E 78 12.87 0.44 27.91
N PRO E 79 13.49 -0.74 28.06
CA PRO E 79 14.74 -0.90 28.80
C PRO E 79 15.93 -0.24 28.08
N SER F 5 -11.33 13.29 22.59
CA SER F 5 -10.38 12.59 21.70
C SER F 5 -8.97 13.15 21.86
N SER F 6 -8.06 12.34 22.41
CA SER F 6 -6.70 12.81 22.68
C SER F 6 -5.97 13.35 21.44
N PRO F 7 -5.93 12.64 20.30
CA PRO F 7 -5.26 13.22 19.12
C PRO F 7 -5.83 14.57 18.72
N ASN F 8 -7.16 14.71 18.74
CA ASN F 8 -7.78 15.97 18.36
C ASN F 8 -7.47 17.08 19.35
N GLU F 9 -7.39 16.75 20.65
CA GLU F 9 -7.03 17.77 21.63
C GLU F 9 -5.60 18.26 21.42
N PHE F 10 -4.67 17.32 21.20
CA PHE F 10 -3.30 17.72 20.91
C PHE F 10 -3.23 18.64 19.70
N LEU F 11 -3.88 18.23 18.61
CA LEU F 11 -3.85 19.03 17.39
C LEU F 11 -4.44 20.42 17.64
N ASN F 12 -5.57 20.49 18.34
CA ASN F 12 -6.18 21.79 18.62
C ASN F 12 -5.28 22.65 19.49
N LYS F 13 -4.41 22.02 20.26
CA LYS F 13 -3.50 22.80 21.09
C LYS F 13 -2.18 23.14 20.40
N VAL F 14 -1.91 22.59 19.21
CA VAL F 14 -0.75 23.04 18.44
C VAL F 14 -1.12 23.78 17.16
N ILE F 15 -2.41 23.91 16.85
CA ILE F 15 -2.79 24.72 15.70
C ILE F 15 -2.34 26.16 15.91
N GLY F 16 -1.82 26.78 14.86
CA GLY F 16 -1.28 28.12 14.95
C GLY F 16 0.10 28.20 15.54
N LYS F 17 0.65 27.10 16.02
CA LYS F 17 2.02 27.06 16.53
C LYS F 17 2.91 26.33 15.53
N LYS F 18 4.20 26.37 15.80
CA LYS F 18 5.21 25.75 14.96
C LYS F 18 5.38 24.29 15.34
N VAL F 19 5.33 23.41 14.34
CA VAL F 19 5.35 21.97 14.52
C VAL F 19 6.38 21.35 13.60
N LEU F 20 6.84 20.16 14.02
CA LEU F 20 7.64 19.27 13.19
C LEU F 20 6.74 18.17 12.65
N ILE F 21 6.67 18.05 11.33
CA ILE F 21 6.00 16.95 10.65
C ILE F 21 7.08 16.02 10.14
N ARG F 22 7.05 14.75 10.56
CA ARG F 22 7.89 13.76 9.92
C ARG F 22 7.04 12.84 9.06
N LEU F 23 7.48 12.67 7.82
CA LEU F 23 6.87 11.74 6.87
C LEU F 23 7.55 10.38 6.97
N SER F 24 6.81 9.35 6.55
CA SER F 24 7.33 7.98 6.62
C SER F 24 8.65 7.84 5.86
N SER F 25 8.83 8.61 4.79
CA SER F 25 10.11 8.65 4.10
C SER F 25 11.24 9.23 4.97
N GLY F 26 10.90 9.93 6.05
CA GLY F 26 11.90 10.58 6.87
C GLY F 26 12.15 12.04 6.54
N VAL F 27 11.64 12.52 5.40
CA VAL F 27 11.66 13.95 5.12
C VAL F 27 10.88 14.69 6.18
N ASP F 28 11.41 15.86 6.59
CA ASP F 28 10.87 16.64 7.69
C ASP F 28 10.35 17.98 7.20
N TYR F 29 9.31 18.46 7.85
CA TYR F 29 8.75 19.78 7.57
C TYR F 29 8.53 20.52 8.88
N LYS F 30 9.13 21.69 9.02
CA LYS F 30 8.86 22.57 10.15
C LYS F 30 7.97 23.72 9.69
N GLY F 31 6.87 23.95 10.39
CA GLY F 31 6.01 25.03 9.93
C GLY F 31 4.91 25.35 10.92
N ILE F 32 4.14 26.37 10.59
CA ILE F 32 2.99 26.77 11.41
C ILE F 32 1.78 25.98 10.95
N LEU F 33 1.21 25.19 11.86
CA LEU F 33 0.08 24.33 11.52
C LEU F 33 -1.17 25.19 11.38
N SER F 34 -1.68 25.33 10.14
CA SER F 34 -2.92 26.08 9.92
C SER F 34 -4.14 25.26 10.30
N CYS F 35 -4.28 24.09 9.69
CA CYS F 35 -5.47 23.26 9.88
C CYS F 35 -5.17 21.85 9.38
N LEU F 36 -6.04 20.92 9.77
CA LEU F 36 -5.93 19.52 9.42
C LEU F 36 -7.33 18.99 9.19
N ASP F 37 -7.41 17.80 8.59
CA ASP F 37 -8.73 17.20 8.40
C ASP F 37 -8.73 15.75 8.84
N GLY F 38 -9.85 15.05 8.60
CA GLY F 38 -10.01 13.68 9.05
C GLY F 38 -9.03 12.69 8.46
N TYR F 39 -8.46 12.98 7.30
CA TYR F 39 -7.46 12.10 6.72
C TYR F 39 -6.05 12.42 7.18
N MET F 40 -5.89 13.40 8.07
CA MET F 40 -4.60 13.94 8.50
C MET F 40 -3.89 14.70 7.38
N ASN F 41 -4.62 15.12 6.34
CA ASN F 41 -4.09 16.15 5.45
C ASN F 41 -3.80 17.39 6.28
N LEU F 42 -2.75 18.10 5.93
CA LEU F 42 -2.29 19.25 6.70
C LEU F 42 -2.11 20.46 5.81
N ALA F 43 -2.35 21.63 6.39
CA ALA F 43 -1.96 22.89 5.78
C ALA F 43 -0.94 23.56 6.70
N LEU F 44 0.20 23.94 6.13
CA LEU F 44 1.29 24.55 6.87
C LEU F 44 1.61 25.91 6.28
N GLU F 45 1.80 26.90 7.16
CA GLU F 45 2.38 28.19 6.77
C GLU F 45 3.85 28.20 7.12
N ARG F 46 4.63 28.95 6.34
CA ARG F 46 6.02 29.21 6.67
C ARG F 46 6.75 27.90 6.91
N THR F 47 6.88 27.15 5.82
CA THR F 47 7.33 25.76 5.87
C THR F 47 8.76 25.64 5.41
N GLU F 48 9.57 24.94 6.21
CA GLU F 48 10.92 24.55 5.83
C GLU F 48 10.96 23.03 5.68
N GLU F 49 11.52 22.58 4.57
CA GLU F 49 11.68 21.16 4.28
C GLU F 49 13.11 20.74 4.54
N TYR F 50 13.29 19.60 5.20
CA TYR F 50 14.61 19.08 5.56
C TYR F 50 14.72 17.65 5.05
N VAL F 51 15.75 17.39 4.24
CA VAL F 51 16.07 16.04 3.81
C VAL F 51 17.39 15.65 4.46
N ASN F 52 17.42 14.47 5.07
CA ASN F 52 18.44 14.16 6.05
C ASN F 52 18.55 15.32 7.01
N GLY F 53 19.64 16.07 6.99
CA GLY F 53 19.76 17.17 7.91
C GLY F 53 19.70 18.56 7.27
N LYS F 54 19.59 18.62 5.95
CA LYS F 54 19.75 19.88 5.25
C LYS F 54 18.40 20.46 4.83
N LYS F 55 18.27 21.78 4.98
CA LYS F 55 17.10 22.49 4.46
C LYS F 55 17.15 22.50 2.94
N THR F 56 16.14 21.91 2.30
CA THR F 56 16.07 21.81 0.85
C THR F 56 15.07 22.73 0.20
N ASN F 57 14.07 23.21 0.95
CA ASN F 57 13.02 24.02 0.37
C ASN F 57 12.34 24.85 1.44
N VAL F 58 11.67 25.91 0.99
CA VAL F 58 10.77 26.70 1.82
C VAL F 58 9.49 26.92 1.03
N TYR F 59 8.36 26.96 1.73
CA TYR F 59 7.07 27.24 1.10
C TYR F 59 6.28 28.18 1.98
N GLY F 60 5.71 29.22 1.37
CA GLY F 60 4.83 30.10 2.13
C GLY F 60 3.62 29.37 2.67
N ASP F 61 3.08 28.45 1.88
CA ASP F 61 1.97 27.59 2.27
C ASP F 61 2.21 26.24 1.61
N ALA F 62 1.91 25.16 2.33
CA ALA F 62 2.12 23.81 1.84
C ALA F 62 0.94 22.94 2.24
N PHE F 63 0.47 22.14 1.27
CA PHE F 63 -0.50 21.09 1.55
C PHE F 63 0.25 19.77 1.61
N ILE F 64 0.03 19.02 2.70
CA ILE F 64 0.65 17.72 2.86
C ILE F 64 -0.43 16.67 2.91
N ARG F 65 -0.35 15.71 1.99
CA ARG F 65 -1.35 14.64 1.92
C ARG F 65 -1.14 13.67 3.09
N GLY F 66 -2.21 13.40 3.83
CA GLY F 66 -2.10 12.79 5.15
C GLY F 66 -1.56 11.38 5.22
N ASN F 67 -1.64 10.61 4.13
CA ASN F 67 -1.11 9.24 4.13
C ASN F 67 0.41 9.21 4.32
N ASN F 68 1.10 10.31 4.05
CA ASN F 68 2.56 10.36 4.21
C ASN F 68 3.01 10.66 5.64
N VAL F 69 2.12 11.13 6.51
CA VAL F 69 2.52 11.68 7.80
C VAL F 69 2.82 10.54 8.77
N LEU F 70 4.06 10.46 9.23
CA LEU F 70 4.40 9.59 10.36
C LEU F 70 4.04 10.22 11.70
N TYR F 71 4.37 11.50 11.89
CA TYR F 71 3.97 12.11 13.15
C TYR F 71 3.96 13.63 13.06
N VAL F 72 3.22 14.22 14.01
CA VAL F 72 3.16 15.66 14.24
C VAL F 72 3.65 15.93 15.66
N SER F 73 4.70 16.75 15.79
CA SER F 73 5.36 16.94 17.07
C SER F 73 5.44 18.43 17.42
N ALA F 74 5.18 18.73 18.68
CA ALA F 74 5.27 20.10 19.17
C ALA F 74 6.73 20.55 19.23
N LEU F 75 6.96 21.81 18.84
CA LEU F 75 8.32 22.35 18.82
C LEU F 75 8.61 23.33 19.97
N SER G 24 -14.78 -14.13 13.09
CA SER G 24 -13.48 -14.40 12.48
C SER G 24 -13.35 -15.87 12.09
N ILE G 25 -12.72 -16.15 10.95
CA ILE G 25 -12.54 -17.56 10.57
C ILE G 25 -11.51 -18.23 11.45
N LEU G 26 -10.72 -17.46 12.20
CA LEU G 26 -9.76 -18.03 13.14
C LEU G 26 -10.32 -17.86 14.54
N ASP G 27 -10.48 -18.98 15.25
CA ASP G 27 -10.97 -18.97 16.63
C ASP G 27 -9.75 -18.87 17.54
N LEU G 28 -9.42 -17.64 17.93
CA LEU G 28 -8.20 -17.42 18.69
C LEU G 28 -8.23 -18.07 20.06
N SER G 29 -9.42 -18.32 20.62
CA SER G 29 -9.53 -18.96 21.92
C SER G 29 -8.90 -20.35 21.94
N ARG G 30 -8.74 -20.98 20.76
CA ARG G 30 -8.04 -22.26 20.68
C ARG G 30 -6.56 -22.15 21.02
N TYR G 31 -5.96 -20.97 20.92
CA TYR G 31 -4.56 -20.77 21.26
C TYR G 31 -4.37 -20.19 22.65
N GLN G 32 -5.45 -19.95 23.39
CA GLN G 32 -5.37 -19.33 24.71
C GLN G 32 -4.36 -20.05 25.59
N ASP G 33 -3.32 -19.32 26.01
CA ASP G 33 -2.21 -19.79 26.84
C ASP G 33 -1.25 -20.71 26.08
N GLN G 34 -1.32 -20.75 24.76
CA GLN G 34 -0.31 -21.42 23.95
C GLN G 34 0.57 -20.37 23.28
N ARG G 35 1.82 -20.75 23.02
CA ARG G 35 2.73 -19.88 22.28
C ARG G 35 2.38 -19.90 20.80
N ILE G 36 2.32 -18.71 20.20
CA ILE G 36 2.06 -18.55 18.78
C ILE G 36 3.15 -17.68 18.18
N GLN G 37 3.31 -17.83 16.87
CA GLN G 37 4.22 -17.02 16.06
C GLN G 37 3.38 -16.04 15.25
N ALA G 38 3.80 -14.78 15.27
CA ALA G 38 3.14 -13.74 14.50
C ALA G 38 4.14 -13.08 13.57
N THR G 39 3.69 -12.81 12.35
CA THR G 39 4.46 -12.05 11.38
C THR G 39 3.69 -10.80 11.00
N PHE G 40 4.40 -9.68 10.93
CA PHE G 40 3.88 -8.38 10.56
C PHE G 40 4.25 -8.03 9.13
N THR G 41 3.41 -7.24 8.50
CA THR G 41 3.78 -6.60 7.24
C THR G 41 5.09 -5.85 7.42
N GLY G 42 6.03 -6.09 6.52
CA GLY G 42 7.37 -5.56 6.63
C GLY G 42 8.41 -6.56 7.08
N GLY G 43 7.99 -7.70 7.65
CA GLY G 43 8.90 -8.79 7.93
C GLY G 43 9.15 -9.10 9.39
N ARG G 44 8.76 -8.23 10.33
CA ARG G 44 9.01 -8.52 11.74
C ARG G 44 8.33 -9.82 12.14
N GLN G 45 9.02 -10.61 12.96
CA GLN G 45 8.51 -11.90 13.45
C GLN G 45 8.70 -11.99 14.95
N ILE G 46 7.64 -12.41 15.66
CA ILE G 46 7.70 -12.59 17.09
C ILE G 46 7.04 -13.92 17.45
N THR G 47 7.30 -14.38 18.67
CA THR G 47 6.53 -15.44 19.29
C THR G 47 6.12 -14.99 20.68
N GLY G 48 5.01 -15.50 21.15
CA GLY G 48 4.54 -15.12 22.48
C GLY G 48 3.36 -15.97 22.86
N ILE G 49 3.00 -15.92 24.13
CA ILE G 49 1.95 -16.77 24.66
C ILE G 49 0.67 -15.96 24.70
N LEU G 50 -0.33 -16.44 23.95
CA LEU G 50 -1.58 -15.71 23.79
C LEU G 50 -2.31 -15.57 25.11
N LYS G 51 -2.47 -14.33 25.55
CA LYS G 51 -3.24 -14.00 26.74
C LYS G 51 -4.56 -13.31 26.42
N GLY G 52 -4.69 -12.66 25.27
CA GLY G 52 -5.98 -12.06 24.98
C GLY G 52 -6.07 -11.60 23.55
N PHE G 53 -7.27 -11.21 23.14
CA PHE G 53 -7.48 -10.73 21.77
C PHE G 53 -8.84 -10.04 21.72
N ASP G 54 -9.06 -9.28 20.63
CA ASP G 54 -10.39 -8.72 20.36
C ASP G 54 -10.84 -9.12 18.96
N GLN G 55 -12.04 -8.70 18.59
CA GLN G 55 -12.60 -9.08 17.30
C GLN G 55 -11.85 -8.44 16.13
N LEU G 56 -10.98 -7.46 16.39
CA LEU G 56 -10.19 -6.85 15.34
C LEU G 56 -8.82 -7.52 15.19
N MET G 57 -8.57 -8.62 15.92
CA MET G 57 -7.33 -9.38 15.90
C MET G 57 -6.16 -8.62 16.51
N ASN G 58 -6.40 -7.55 17.27
CA ASN G 58 -5.38 -7.14 18.23
C ASN G 58 -5.16 -8.28 19.21
N LEU G 59 -3.93 -8.46 19.64
CA LEU G 59 -3.59 -9.53 20.57
C LEU G 59 -2.90 -8.96 21.80
N VAL G 60 -2.96 -9.74 22.88
CA VAL G 60 -2.09 -9.58 24.04
C VAL G 60 -1.29 -10.85 24.15
N LEU G 61 0.03 -10.73 24.02
CA LEU G 61 0.94 -11.86 24.12
C LEU G 61 1.90 -11.61 25.28
N ASP G 62 2.27 -12.69 25.97
CA ASP G 62 3.18 -12.60 27.11
C ASP G 62 4.43 -13.42 26.82
N ASP G 63 5.52 -13.10 27.52
CA ASP G 63 6.83 -13.72 27.30
C ASP G 63 7.24 -13.65 25.83
N VAL G 64 7.07 -12.48 25.23
CA VAL G 64 7.29 -12.32 23.80
C VAL G 64 8.79 -12.25 23.50
N GLU G 65 9.19 -12.96 22.45
CA GLU G 65 10.55 -12.85 21.90
C GLU G 65 10.45 -12.47 20.43
N GLU G 66 11.21 -11.48 20.02
CA GLU G 66 11.29 -11.09 18.61
C GLU G 66 12.52 -11.71 18.00
N GLN G 67 12.34 -12.33 16.83
CA GLN G 67 13.45 -12.88 16.05
C GLN G 67 13.99 -11.75 15.17
N LEU G 68 15.23 -11.34 15.42
CA LEU G 68 15.81 -10.21 14.72
C LEU G 68 16.29 -10.61 13.33
N ARG G 69 16.35 -9.63 12.43
CA ARG G 69 16.74 -9.84 11.05
C ARG G 69 18.02 -9.10 10.71
N ASN G 70 18.69 -9.57 9.64
CA ASN G 70 19.88 -8.91 9.12
C ASN G 70 19.47 -7.68 8.32
N PRO G 71 20.05 -6.51 8.61
CA PRO G 71 19.64 -5.30 7.87
C PRO G 71 19.81 -5.44 6.37
N GLU G 72 20.78 -6.23 5.92
CA GLU G 72 20.99 -6.46 4.50
C GLU G 72 19.91 -7.38 3.94
N ASP G 73 20.08 -8.69 4.13
CA ASP G 73 19.23 -9.68 3.47
C ASP G 73 17.79 -9.70 3.99
N GLY G 74 17.49 -8.97 5.05
CA GLY G 74 16.20 -9.13 5.70
C GLY G 74 15.96 -10.50 6.30
N LYS G 75 16.89 -11.44 6.14
CA LYS G 75 16.75 -12.78 6.68
C LYS G 75 17.02 -12.79 8.17
N LEU G 76 16.52 -13.82 8.85
CA LEU G 76 16.76 -13.95 10.28
C LEU G 76 18.24 -14.14 10.57
N THR G 77 18.66 -13.68 11.74
CA THR G 77 20.03 -13.84 12.20
C THR G 77 20.19 -14.97 13.21
N GLY G 78 19.11 -15.42 13.83
CA GLY G 78 19.18 -16.29 14.98
C GLY G 78 19.18 -15.56 16.31
N ALA G 79 19.49 -14.27 16.32
CA ALA G 79 19.44 -13.48 17.54
C ALA G 79 18.01 -13.10 17.87
N ILE G 80 17.67 -13.12 19.15
CA ILE G 80 16.35 -12.72 19.61
C ILE G 80 16.51 -11.58 20.61
N ARG G 81 15.40 -10.87 20.83
CA ARG G 81 15.32 -9.97 21.97
C ARG G 81 14.00 -10.22 22.70
N LYS G 82 14.05 -10.11 24.02
CA LYS G 82 12.84 -10.30 24.82
C LYS G 82 12.08 -8.98 24.90
N LEU G 83 10.75 -9.09 24.96
CA LEU G 83 9.90 -7.91 24.97
C LEU G 83 8.81 -7.97 26.03
N GLY G 84 8.60 -9.10 26.69
CA GLY G 84 7.67 -9.13 27.80
C GLY G 84 6.23 -9.21 27.36
N LEU G 85 5.40 -8.37 27.95
CA LEU G 85 3.96 -8.35 27.70
C LEU G 85 3.69 -7.31 26.62
N VAL G 86 3.12 -7.74 25.49
CA VAL G 86 3.03 -6.92 24.29
C VAL G 86 1.59 -6.89 23.79
N VAL G 87 1.16 -5.72 23.32
CA VAL G 87 -0.08 -5.59 22.56
C VAL G 87 0.26 -5.59 21.08
N VAL G 88 -0.30 -6.54 20.34
CA VAL G 88 -0.07 -6.71 18.91
C VAL G 88 -1.21 -6.04 18.14
N ARG G 89 -0.87 -5.16 17.20
CA ARG G 89 -1.88 -4.52 16.37
C ARG G 89 -2.37 -5.48 15.28
N GLY G 90 -3.69 -5.70 15.24
CA GLY G 90 -4.27 -6.57 14.23
C GLY G 90 -4.17 -6.04 12.81
N THR G 91 -4.07 -4.72 12.65
CA THR G 91 -4.00 -4.15 11.31
C THR G 91 -2.71 -4.50 10.57
N THR G 92 -1.62 -4.77 11.31
CA THR G 92 -0.33 -5.07 10.69
C THR G 92 0.03 -6.54 10.78
N LEU G 93 -0.81 -7.35 11.43
CA LEU G 93 -0.64 -8.80 11.42
C LEU G 93 -0.79 -9.34 10.01
N VAL G 94 0.14 -10.18 9.56
CA VAL G 94 -0.08 -10.84 8.28
C VAL G 94 -0.11 -12.35 8.46
N LEU G 95 0.54 -12.87 9.51
CA LEU G 95 0.56 -14.31 9.72
C LEU G 95 0.44 -14.67 11.19
N ILE G 96 -0.38 -15.69 11.48
CA ILE G 96 -0.54 -16.24 12.82
C ILE G 96 -0.46 -17.76 12.72
N ALA G 97 0.41 -18.37 13.54
CA ALA G 97 0.46 -19.83 13.53
C ALA G 97 0.88 -20.35 14.89
N PRO G 98 0.32 -21.46 15.36
CA PRO G 98 0.80 -22.04 16.62
C PRO G 98 2.23 -22.52 16.50
N MET G 99 2.99 -22.38 17.59
CA MET G 99 4.37 -22.86 17.60
C MET G 99 4.45 -24.39 17.76
N ASP G 100 3.51 -24.99 18.48
CA ASP G 100 3.57 -26.42 18.71
C ASP G 100 3.26 -27.17 17.42
N GLY G 101 4.18 -28.05 17.00
CA GLY G 101 4.12 -28.71 15.72
C GLY G 101 4.98 -28.07 14.65
N SER G 102 5.43 -26.85 14.88
CA SER G 102 6.30 -26.18 13.92
C SER G 102 7.72 -26.69 14.03
N GLU G 103 8.42 -26.66 12.90
CA GLU G 103 9.83 -27.03 12.81
C GLU G 103 10.36 -26.60 11.47
N GLU G 104 11.54 -25.99 11.47
CA GLU G 104 12.28 -25.83 10.23
C GLU G 104 12.61 -27.21 9.67
N ILE G 105 12.41 -27.39 8.37
CA ILE G 105 12.64 -28.70 7.76
C ILE G 105 13.49 -28.52 6.52
N PRO G 106 14.17 -29.57 6.08
CA PRO G 106 14.83 -29.54 4.78
C PRO G 106 13.82 -29.66 3.65
N ASN G 107 14.21 -29.11 2.50
CA ASN G 107 13.44 -29.07 1.25
C ASN G 107 12.72 -30.39 1.00
N PRO G 108 11.39 -30.45 1.17
CA PRO G 108 10.64 -31.67 0.85
C PRO G 108 10.59 -31.95 -0.64
#